data_1AU8
#
_entry.id   1AU8
#
_cell.length_a   40.230
_cell.length_b   63.460
_cell.length_c   80.210
_cell.angle_alpha   90.00
_cell.angle_beta   90.00
_cell.angle_gamma   90.00
#
_symmetry.space_group_name_H-M   'P 21 21 21'
#
loop_
_entity.id
_entity.type
_entity.pdbx_description
1 polymer 'CATHEPSIN G'
2 non-polymer N-(3-carboxypropanoyl)-L-valyl-N-[(1R)-5-amino-1-phosphonopentyl]-L-prolinamide
3 water water
#
_entity_poly.entity_id   1
_entity_poly.type   'polypeptide(L)'
_entity_poly.pdbx_seq_one_letter_code
;IIGGRESRPHSRPYMAYLQIQSPAGQSRCGGFLVREDFVLTAAHCWGSNINVTLGAHNIQRRENTQQHITARRAIRHPQY
NQRTIQNDIMLLQLSRRVRRNRNVNPVALPRAQEGLRPGTLCTVAGWGRVSMRRGTDTLREVQLRVQRDRQCLRIFGSYD
PRRQICVGDRRERKAAFKGDSGGPLLCNNVAHGIVSYGKSSGVPPEVFTRVSSFLPWIRTTMRS
;
_entity_poly.pdbx_strand_id   A
#
loop_
_chem_comp.id
_chem_comp.type
_chem_comp.name
_chem_comp.formula
0H8 peptide-like N-(3-carboxypropanoyl)-L-valyl-N-[(1R)-5-amino-1-phosphonopentyl]-L-prolinamide 'C19 H35 N4 O8 P'
#
# COMPACT_ATOMS: atom_id res chain seq x y z
N ILE A 1 7.38 -7.83 -3.85
CA ILE A 1 6.39 -8.96 -3.78
C ILE A 1 7.11 -10.30 -3.92
N ILE A 2 6.90 -11.18 -2.95
CA ILE A 2 7.47 -12.52 -2.95
C ILE A 2 6.44 -13.53 -3.47
N GLY A 3 6.86 -14.37 -4.40
CA GLY A 3 6.00 -15.41 -4.94
C GLY A 3 4.87 -14.96 -5.85
N GLY A 4 5.00 -13.77 -6.43
CA GLY A 4 3.94 -13.25 -7.28
C GLY A 4 4.30 -13.41 -8.77
N ARG A 5 3.54 -12.71 -9.56
CA ARG A 5 3.65 -12.69 -11.03
C ARG A 5 3.69 -11.25 -11.52
N GLU A 6 4.26 -10.91 -12.67
CA GLU A 6 4.27 -9.54 -13.17
C GLU A 6 2.84 -9.20 -13.58
N SER A 7 2.35 -8.03 -13.17
CA SER A 7 1.00 -7.58 -13.49
C SER A 7 0.88 -7.27 -14.95
N ARG A 8 -0.31 -7.53 -15.52
CA ARG A 8 -0.50 -7.02 -16.88
C ARG A 8 -0.33 -5.51 -16.89
N PRO A 9 0.50 -4.97 -17.78
CA PRO A 9 0.75 -3.53 -17.79
C PRO A 9 -0.46 -2.63 -17.77
N HIS A 10 -0.45 -1.66 -16.86
CA HIS A 10 -1.52 -0.68 -16.71
C HIS A 10 -2.90 -1.21 -16.34
N SER A 11 -2.94 -2.40 -15.75
CA SER A 11 -4.20 -3.01 -15.34
C SER A 11 -4.63 -2.62 -13.94
N ARG A 12 -3.76 -1.93 -13.23
CA ARG A 12 -4.04 -1.45 -11.87
C ARG A 12 -3.63 0.02 -11.89
N PRO A 13 -4.44 0.88 -12.57
CA PRO A 13 -4.21 2.32 -12.73
C PRO A 13 -4.19 3.23 -11.51
N TYR A 14 -4.45 2.64 -10.34
CA TYR A 14 -4.45 3.38 -9.08
C TYR A 14 -3.12 3.26 -8.39
N MET A 15 -2.26 2.41 -8.90
CA MET A 15 -0.98 2.13 -8.23
C MET A 15 -0.05 3.34 -8.35
N ALA A 16 0.59 3.66 -7.23
CA ALA A 16 1.52 4.78 -7.16
C ALA A 16 2.87 4.32 -6.68
N TYR A 17 3.92 4.92 -7.24
CA TYR A 17 5.28 4.61 -6.85
C TYR A 17 5.81 5.87 -6.16
N LEU A 18 6.32 5.72 -4.95
CA LEU A 18 6.80 6.87 -4.19
C LEU A 18 8.29 6.91 -4.01
N GLN A 19 8.84 7.97 -4.45
CA GLN A 19 10.27 8.26 -4.26
C GLN A 19 10.46 9.26 -3.12
N ILE A 20 10.92 8.76 -1.95
CA ILE A 20 11.01 9.54 -0.73
C ILE A 20 12.39 10.10 -0.41
N GLN A 21 12.49 11.42 -0.44
CA GLN A 21 13.71 12.17 -0.15
C GLN A 21 14.87 11.96 -1.12
N SER A 22 15.72 12.98 -1.22
CA SER A 22 16.88 12.94 -2.12
C SER A 22 18.11 12.39 -1.40
N PRO A 23 19.06 11.81 -2.15
CA PRO A 23 19.06 11.63 -3.61
C PRO A 23 18.05 10.59 -4.08
N ALA A 24 17.98 10.39 -5.41
CA ALA A 24 17.06 9.43 -6.00
C ALA A 24 17.41 8.01 -5.56
N GLY A 25 16.86 7.61 -4.42
CA GLY A 25 17.12 6.28 -3.89
C GLY A 25 17.27 6.27 -2.39
N GLN A 26 16.82 7.37 -1.73
CA GLN A 26 16.89 7.47 -0.26
C GLN A 26 15.98 6.40 0.37
N SER A 27 14.77 6.29 -0.17
CA SER A 27 13.76 5.32 0.31
C SER A 27 12.59 5.26 -0.68
N ARG A 28 11.97 4.08 -0.80
CA ARG A 28 10.84 3.91 -1.75
C ARG A 28 9.69 3.13 -1.10
N CYS A 29 8.46 3.48 -1.57
CA CYS A 29 7.22 2.86 -1.10
C CYS A 29 6.20 2.83 -2.21
N GLY A 30 5.08 2.18 -1.95
CA GLY A 30 4.02 2.13 -2.91
C GLY A 30 2.90 2.96 -2.31
N GLY A 31 1.79 3.05 -3.03
CA GLY A 31 0.64 3.80 -2.57
C GLY A 31 -0.45 3.61 -3.60
N PHE A 32 -1.62 4.17 -3.37
CA PHE A 32 -2.71 4.08 -4.32
C PHE A 32 -3.55 5.35 -4.34
N LEU A 33 -3.98 5.74 -5.48
CA LEU A 33 -4.80 6.93 -5.77
C LEU A 33 -6.23 6.67 -5.26
N VAL A 34 -6.73 7.59 -4.44
CA VAL A 34 -8.11 7.45 -3.89
C VAL A 34 -9.00 8.63 -4.33
N ARG A 35 -8.35 9.58 -4.99
CA ARG A 35 -9.00 10.78 -5.57
C ARG A 35 -7.97 11.49 -6.45
N GLU A 36 -8.39 12.31 -7.35
CA GLU A 36 -7.51 12.84 -8.39
C GLU A 36 -6.38 13.66 -7.76
N ASP A 37 -6.50 14.07 -6.48
CA ASP A 37 -5.52 14.88 -5.78
C ASP A 37 -4.99 14.23 -4.48
N PHE A 38 -5.38 12.98 -4.22
CA PHE A 38 -4.96 12.31 -2.99
C PHE A 38 -4.48 10.90 -3.17
N VAL A 39 -3.38 10.57 -2.51
CA VAL A 39 -2.79 9.23 -2.53
C VAL A 39 -2.74 8.69 -1.09
N LEU A 40 -3.16 7.45 -0.91
CA LEU A 40 -3.14 6.82 0.41
C LEU A 40 -1.94 5.90 0.44
N THR A 41 -1.19 5.92 1.54
CA THR A 41 0.01 5.09 1.68
C THR A 41 0.27 4.87 3.17
N ALA A 42 1.43 4.31 3.52
CA ALA A 42 1.77 4.06 4.92
C ALA A 42 2.46 5.25 5.55
N ALA A 43 2.12 5.55 6.80
CA ALA A 43 2.72 6.68 7.51
C ALA A 43 4.20 6.51 7.74
N HIS A 44 4.66 5.26 7.81
CA HIS A 44 6.08 4.98 8.02
C HIS A 44 6.90 5.33 6.79
N CYS A 45 6.21 5.59 5.68
CA CYS A 45 6.84 5.98 4.42
C CYS A 45 7.00 7.50 4.35
N TRP A 46 6.71 8.20 5.44
CA TRP A 46 6.84 9.64 5.48
C TRP A 46 8.25 10.14 5.16
N GLY A 47 8.29 11.28 4.47
CA GLY A 47 9.54 11.90 4.10
C GLY A 47 9.33 13.38 3.91
N SER A 48 10.42 14.15 3.95
CA SER A 48 10.36 15.60 3.79
C SER A 48 9.97 16.00 2.38
N ASN A 49 10.37 15.19 1.40
CA ASN A 49 10.03 15.47 0.02
C ASN A 49 9.67 14.15 -0.63
N ILE A 50 8.48 14.08 -1.22
CA ILE A 50 8.01 12.86 -1.86
C ILE A 50 7.54 13.09 -3.29
N ASN A 51 8.13 12.35 -4.22
CA ASN A 51 7.78 12.41 -5.64
C ASN A 51 6.90 11.21 -5.99
N VAL A 52 5.67 11.48 -6.37
CA VAL A 52 4.72 10.43 -6.73
C VAL A 52 4.67 10.16 -8.21
N THR A 53 4.76 8.88 -8.59
CA THR A 53 4.70 8.50 -10.00
C THR A 53 3.44 7.66 -10.23
N LEU A 54 2.60 8.13 -11.14
CA LEU A 54 1.37 7.42 -11.50
C LEU A 54 1.47 6.95 -12.96
N GLY A 55 0.64 5.95 -13.30
CA GLY A 55 0.63 5.43 -14.65
C GLY A 55 1.83 4.62 -15.08
N ALA A 56 2.60 4.11 -14.13
CA ALA A 56 3.79 3.32 -14.46
C ALA A 56 3.63 1.80 -14.48
N HIS A 57 4.52 1.15 -15.24
CA HIS A 57 4.60 -0.29 -15.23
C HIS A 57 6.03 -0.58 -14.85
N ASN A 58 6.95 -0.12 -15.68
CA ASN A 58 8.38 -0.26 -15.47
C ASN A 58 8.85 1.08 -14.93
N ILE A 59 9.18 1.15 -13.63
CA ILE A 59 9.61 2.40 -13.05
C ILE A 59 11.02 2.89 -13.44
N GLN A 60 11.76 2.07 -14.17
CA GLN A 60 13.12 2.44 -14.60
C GLN A 60 13.14 2.97 -16.03
N ARG A 61 11.95 3.26 -16.57
CA ARG A 61 11.90 3.79 -17.93
C ARG A 61 10.95 4.99 -18.01
N ARG A 62 11.23 5.83 -18.98
CA ARG A 62 10.41 7.02 -19.20
C ARG A 62 9.22 6.62 -20.08
N GLU A 63 8.15 6.18 -19.44
CA GLU A 63 6.95 5.76 -20.19
C GLU A 63 6.00 6.96 -20.39
N ASN A 64 5.36 7.03 -21.55
CA ASN A 64 4.46 8.15 -21.86
C ASN A 64 3.16 8.22 -21.06
N THR A 65 2.82 7.09 -20.41
CA THR A 65 1.64 6.99 -19.58
C THR A 65 1.91 7.51 -18.16
N GLN A 66 3.15 7.81 -17.87
CA GLN A 66 3.57 8.18 -16.51
C GLN A 66 3.31 9.67 -16.25
N GLN A 67 2.98 9.92 -14.99
CA GLN A 67 2.70 11.27 -14.48
C GLN A 67 3.42 11.44 -13.14
N HIS A 68 4.34 12.38 -13.12
CA HIS A 68 5.11 12.68 -11.90
C HIS A 68 4.58 13.96 -11.27
N ILE A 69 4.25 13.82 -10.01
CA ILE A 69 3.71 14.92 -9.20
C ILE A 69 4.21 14.79 -7.78
N THR A 70 4.68 15.90 -7.26
CA THR A 70 5.20 15.95 -5.89
C THR A 70 4.05 16.14 -4.94
N ALA A 71 4.19 15.55 -3.79
CA ALA A 71 3.20 15.65 -2.73
C ALA A 71 3.33 17.03 -2.12
N ARG A 72 2.22 17.72 -2.07
CA ARG A 72 2.15 19.06 -1.53
C ARG A 72 2.15 18.99 0.00
N ARG A 73 1.49 17.95 0.47
CA ARG A 73 1.35 17.67 1.88
C ARG A 73 1.31 16.17 2.13
N ALA A 74 1.95 15.81 3.22
CA ALA A 74 2.04 14.43 3.69
C ALA A 74 1.47 14.40 5.09
N ILE A 75 0.21 14.03 5.14
CA ILE A 75 -0.54 13.99 6.39
C ILE A 75 -0.60 12.58 7.00
N ARG A 76 0.22 12.42 8.03
CA ARG A 76 0.30 11.17 8.80
C ARG A 76 -0.87 11.14 9.76
N HIS A 77 -1.32 9.96 10.10
CA HIS A 77 -2.42 9.84 11.06
C HIS A 77 -1.94 10.49 12.36
N PRO A 78 -2.73 11.32 13.04
CA PRO A 78 -2.28 11.97 14.26
C PRO A 78 -1.87 11.00 15.37
N GLN A 79 -2.35 9.77 15.33
CA GLN A 79 -2.01 8.77 16.41
C GLN A 79 -1.00 7.72 15.93
N TYR A 80 -0.30 8.02 14.86
CA TYR A 80 0.71 7.10 14.31
C TYR A 80 1.83 6.89 15.35
N ASN A 81 2.03 5.62 15.68
CA ASN A 81 3.07 5.20 16.64
C ASN A 81 4.13 4.40 15.89
N GLN A 82 5.26 5.06 15.74
CA GLN A 82 6.43 4.53 15.02
C GLN A 82 7.08 3.32 15.71
N ARG A 83 6.90 3.24 17.01
CA ARG A 83 7.48 2.17 17.84
C ARG A 83 6.72 0.84 17.71
N THR A 84 5.40 0.94 17.75
CA THR A 84 4.52 -0.24 17.66
C THR A 84 3.98 -0.42 16.23
N ILE A 85 4.25 0.60 15.42
CA ILE A 85 3.82 0.65 14.00
C ILE A 85 2.29 0.54 13.89
N GLN A 86 1.66 1.27 14.78
CA GLN A 86 0.20 1.34 14.87
C GLN A 86 -0.29 2.59 14.12
N ASN A 87 -1.49 2.48 13.58
CA ASN A 87 -2.12 3.58 12.81
C ASN A 87 -1.19 4.03 11.67
N ASP A 88 -0.67 3.04 11.01
CA ASP A 88 0.27 3.23 9.88
C ASP A 88 -0.49 3.57 8.60
N ILE A 89 -0.94 4.81 8.53
CA ILE A 89 -1.68 5.33 7.37
C ILE A 89 -1.36 6.82 7.20
N MET A 90 -1.30 7.23 5.95
CA MET A 90 -0.97 8.61 5.59
C MET A 90 -1.59 9.00 4.25
N LEU A 91 -2.06 10.23 4.21
CA LEU A 91 -2.66 10.81 3.01
C LEU A 91 -1.70 11.81 2.39
N LEU A 92 -1.55 11.70 1.10
CA LEU A 92 -0.67 12.58 0.33
C LEU A 92 -1.50 13.47 -0.58
N GLN A 93 -1.50 14.76 -0.28
CA GLN A 93 -2.20 15.71 -1.14
C GLN A 93 -1.23 16.14 -2.22
N LEU A 94 -1.57 15.81 -3.45
CA LEU A 94 -0.73 16.12 -4.61
C LEU A 94 -0.77 17.63 -4.89
N SER A 95 0.36 18.13 -5.39
CA SER A 95 0.51 19.56 -5.71
C SER A 95 -0.45 19.94 -6.83
N ARG A 96 -0.83 18.96 -7.61
CA ARG A 96 -1.78 19.15 -8.70
C ARG A 96 -2.50 17.83 -8.97
N ARG A 97 -3.71 17.95 -9.44
CA ARG A 97 -4.54 16.80 -9.76
C ARG A 97 -3.97 16.04 -10.93
N VAL A 98 -4.23 14.76 -10.89
CA VAL A 98 -3.81 13.87 -11.95
C VAL A 98 -4.73 14.06 -13.12
N ARG A 99 -4.23 13.85 -14.30
CA ARG A 99 -5.08 13.94 -15.46
C ARG A 99 -5.54 12.50 -15.70
N ARG A 100 -6.77 12.31 -15.28
CA ARG A 100 -7.50 11.04 -15.29
C ARG A 100 -7.70 10.45 -16.69
N ASN A 101 -7.35 9.16 -16.78
CA ASN A 101 -7.47 8.35 -18.01
C ASN A 101 -7.39 6.85 -17.67
N ARG A 102 -7.53 6.04 -18.72
CA ARG A 102 -7.50 4.56 -18.62
C ARG A 102 -6.27 4.09 -17.84
N ASN A 103 -5.14 4.73 -17.86
CA ASN A 103 -3.93 4.33 -17.15
C ASN A 103 -3.78 4.93 -15.75
N VAL A 104 -4.56 5.97 -15.44
CA VAL A 104 -4.51 6.64 -14.14
C VAL A 104 -5.90 7.00 -13.61
N ASN A 105 -6.37 6.27 -12.60
CA ASN A 105 -7.67 6.53 -11.99
C ASN A 105 -7.75 5.93 -10.58
N PRO A 106 -8.58 6.51 -9.70
CA PRO A 106 -8.76 6.08 -8.32
C PRO A 106 -9.31 4.68 -8.07
N VAL A 107 -8.96 4.10 -6.93
CA VAL A 107 -9.50 2.79 -6.59
C VAL A 107 -10.65 3.02 -5.60
N ALA A 108 -11.63 2.12 -5.61
CA ALA A 108 -12.77 2.23 -4.70
C ALA A 108 -12.33 1.85 -3.29
N LEU A 109 -12.81 2.61 -2.30
CA LEU A 109 -12.53 2.34 -0.89
C LEU A 109 -13.72 1.59 -0.31
N PRO A 110 -13.53 0.85 0.80
CA PRO A 110 -14.67 0.13 1.37
C PRO A 110 -15.58 1.05 2.17
N ARG A 111 -16.77 0.54 2.50
CA ARG A 111 -17.63 1.33 3.40
C ARG A 111 -17.07 1.28 4.82
N ALA A 112 -17.41 2.21 5.62
CA ALA A 112 -16.85 2.28 6.98
C ALA A 112 -17.35 1.10 7.83
N GLN A 113 -16.44 0.64 8.68
CA GLN A 113 -16.70 -0.48 9.63
C GLN A 113 -16.92 -1.81 8.89
N GLU A 114 -16.52 -1.84 7.64
CA GLU A 114 -16.65 -3.03 6.81
C GLU A 114 -15.56 -4.03 7.14
N GLY A 115 -15.95 -5.22 7.62
CA GLY A 115 -15.03 -6.27 7.99
C GLY A 115 -14.66 -7.16 6.82
N LEU A 116 -13.91 -8.22 7.14
CA LEU A 116 -13.44 -9.13 6.11
C LEU A 116 -13.40 -10.53 6.73
N ARG A 117 -13.97 -11.51 6.02
CA ARG A 117 -14.04 -12.87 6.54
C ARG A 117 -12.70 -13.59 6.31
N PRO A 118 -12.21 -14.35 7.32
CA PRO A 118 -10.95 -15.07 7.17
C PRO A 118 -11.11 -16.07 6.03
N GLY A 119 -10.05 -16.27 5.26
CA GLY A 119 -10.11 -17.20 4.14
C GLY A 119 -10.34 -16.52 2.80
N THR A 120 -10.68 -15.24 2.83
CA THR A 120 -10.92 -14.45 1.63
C THR A 120 -9.64 -14.21 0.83
N LEU A 121 -9.71 -14.39 -0.49
CA LEU A 121 -8.55 -14.14 -1.35
C LEU A 121 -8.51 -12.65 -1.72
N CYS A 122 -7.35 -12.02 -1.54
CA CYS A 122 -7.14 -10.61 -1.85
C CYS A 122 -5.88 -10.46 -2.68
N THR A 123 -5.74 -9.38 -3.42
CA THR A 123 -4.55 -9.18 -4.21
C THR A 123 -3.77 -7.99 -3.67
N VAL A 124 -2.45 -8.13 -3.59
CA VAL A 124 -1.56 -7.04 -3.18
C VAL A 124 -0.57 -6.87 -4.34
N ALA A 125 -0.14 -5.64 -4.62
CA ALA A 125 0.78 -5.40 -5.71
C ALA A 125 1.78 -4.33 -5.32
N GLY A 126 2.93 -4.33 -6.00
CA GLY A 126 3.95 -3.34 -5.73
C GLY A 126 5.24 -3.56 -6.49
N TRP A 127 6.18 -2.64 -6.29
CA TRP A 127 7.48 -2.72 -6.94
C TRP A 127 8.58 -3.10 -5.95
N GLY A 128 8.20 -3.72 -4.85
CA GLY A 128 9.16 -4.15 -3.85
C GLY A 128 10.01 -5.34 -4.27
N ARG A 129 10.90 -5.79 -3.42
CA ARG A 129 11.79 -6.89 -3.77
C ARG A 129 11.02 -8.21 -3.80
N VAL A 130 11.58 -9.11 -4.58
CA VAL A 130 11.00 -10.45 -4.77
C VAL A 130 11.70 -11.50 -3.92
N SER A 131 12.82 -11.11 -3.35
CA SER A 131 13.66 -11.93 -2.47
C SER A 131 14.72 -11.04 -1.80
N MET A 132 15.56 -11.66 -1.02
CA MET A 132 16.62 -10.94 -0.30
C MET A 132 17.70 -10.50 -1.31
N ARG A 133 17.78 -11.22 -2.40
CA ARG A 133 18.80 -11.04 -3.44
C ARG A 133 18.38 -10.13 -4.63
N ARG A 134 17.11 -10.09 -5.03
CA ARG A 134 16.77 -9.25 -6.21
C ARG A 134 15.43 -8.52 -6.06
N GLY A 135 15.35 -7.41 -6.86
CA GLY A 135 14.17 -6.57 -6.87
C GLY A 135 13.48 -6.70 -8.21
N THR A 136 12.70 -5.69 -8.58
CA THR A 136 11.96 -5.69 -9.85
C THR A 136 11.82 -4.29 -10.41
N ASP A 137 11.87 -4.16 -11.74
CA ASP A 137 11.70 -2.87 -12.40
C ASP A 137 10.24 -2.65 -12.71
N THR A 138 9.49 -3.75 -12.80
CA THR A 138 8.07 -3.72 -13.16
C THR A 138 7.11 -4.12 -12.04
N LEU A 139 5.85 -3.72 -12.18
CA LEU A 139 4.81 -4.05 -11.20
C LEU A 139 4.50 -5.54 -11.14
N ARG A 140 4.42 -6.08 -9.96
CA ARG A 140 4.03 -7.48 -9.70
C ARG A 140 2.86 -7.53 -8.73
N GLU A 141 2.34 -8.73 -8.60
CA GLU A 141 1.21 -8.90 -7.69
C GLU A 141 1.12 -10.34 -7.21
N VAL A 142 0.34 -10.57 -6.16
CA VAL A 142 0.17 -11.91 -5.61
C VAL A 142 -1.13 -11.96 -4.83
N GLN A 143 -1.72 -13.16 -4.78
CA GLN A 143 -2.96 -13.37 -4.05
C GLN A 143 -2.63 -13.88 -2.65
N LEU A 144 -3.14 -13.22 -1.63
CA LEU A 144 -2.88 -13.63 -0.26
C LEU A 144 -4.18 -13.97 0.41
N ARG A 145 -4.07 -14.86 1.39
CA ARG A 145 -5.31 -15.27 2.04
C ARG A 145 -5.41 -14.65 3.43
N VAL A 146 -6.60 -14.07 3.74
CA VAL A 146 -6.88 -13.41 5.00
C VAL A 146 -6.92 -14.46 6.13
N GLN A 147 -6.24 -14.16 7.23
CA GLN A 147 -6.17 -15.05 8.37
C GLN A 147 -7.07 -14.57 9.52
N ARG A 148 -7.35 -15.49 10.47
CA ARG A 148 -8.09 -15.11 11.68
C ARG A 148 -7.26 -14.14 12.52
N ASP A 149 -7.88 -13.10 13.08
CA ASP A 149 -7.15 -12.11 13.91
C ASP A 149 -6.39 -12.87 14.98
N ARG A 150 -7.09 -13.86 15.56
CA ARG A 150 -6.55 -14.73 16.60
C ARG A 150 -5.13 -15.17 16.26
N GLN A 151 -4.86 -15.36 14.95
CA GLN A 151 -3.56 -15.89 14.53
C GLN A 151 -2.48 -14.83 14.71
N CYS A 152 -2.62 -13.57 14.23
CA CYS A 152 -1.61 -12.50 14.39
C CYS A 152 -1.54 -12.05 15.85
N LEU A 153 -2.69 -12.12 16.51
CA LEU A 153 -2.85 -11.75 17.92
C LEU A 153 -1.84 -12.47 18.83
N ARG A 154 -1.37 -13.65 18.43
CA ARG A 154 -0.41 -14.42 19.22
C ARG A 154 1.01 -14.36 18.66
N ILE A 155 1.17 -13.65 17.54
CA ILE A 155 2.50 -13.53 16.90
C ILE A 155 3.08 -12.11 17.05
N PHE A 156 2.21 -11.11 16.94
CA PHE A 156 2.63 -9.72 17.04
C PHE A 156 2.01 -9.09 18.27
N GLY A 157 2.87 -8.56 19.14
CA GLY A 157 2.42 -7.97 20.39
C GLY A 157 1.45 -6.81 20.33
N SER A 158 1.68 -5.92 19.37
CA SER A 158 0.84 -4.73 19.25
C SER A 158 -0.26 -4.81 18.20
N TYR A 159 -0.60 -6.02 17.77
CA TYR A 159 -1.67 -6.22 16.77
C TYR A 159 -3.02 -5.80 17.34
N ASP A 160 -3.80 -5.06 16.56
CA ASP A 160 -5.12 -4.60 16.97
C ASP A 160 -6.10 -4.99 15.87
N PRO A 161 -6.90 -6.05 16.07
CA PRO A 161 -7.88 -6.51 15.08
C PRO A 161 -8.85 -5.45 14.56
N ARG A 162 -9.02 -4.40 15.29
CA ARG A 162 -10.00 -3.39 14.86
C ARG A 162 -9.36 -2.41 13.90
N ARG A 163 -8.03 -2.35 13.87
CA ARG A 163 -7.41 -1.36 12.97
C ARG A 163 -6.49 -2.03 11.98
N GLN A 164 -6.24 -3.29 12.18
CA GLN A 164 -5.33 -4.01 11.31
C GLN A 164 -5.94 -5.32 10.82
N ILE A 165 -5.26 -5.92 9.86
CA ILE A 165 -5.70 -7.17 9.26
C ILE A 165 -4.52 -8.12 9.25
N CYS A 166 -4.80 -9.39 9.52
CA CYS A 166 -3.80 -10.45 9.54
C CYS A 166 -3.92 -11.11 8.17
N VAL A 167 -2.83 -11.15 7.43
CA VAL A 167 -2.87 -11.69 6.07
C VAL A 167 -1.77 -12.67 5.73
N GLY A 168 -2.10 -13.67 4.92
CA GLY A 168 -1.13 -14.65 4.50
C GLY A 168 -1.07 -16.00 5.21
N ASP A 169 -1.22 -17.03 4.39
CA ASP A 169 -1.14 -18.41 4.83
C ASP A 169 0.33 -18.70 5.00
N ARG A 170 0.73 -19.16 6.19
CA ARG A 170 2.14 -19.46 6.45
C ARG A 170 2.69 -20.62 5.62
N ARG A 171 1.79 -21.44 5.06
CA ARG A 171 2.14 -22.60 4.24
C ARG A 171 2.56 -22.24 2.80
N GLU A 172 2.40 -20.99 2.42
CA GLU A 172 2.78 -20.55 1.08
C GLU A 172 3.82 -19.44 1.15
N ARG A 173 4.71 -19.46 0.17
CA ARG A 173 5.76 -18.46 0.07
C ARG A 173 5.24 -17.29 -0.81
N LYS A 174 4.28 -16.60 -0.23
CA LYS A 174 3.63 -15.42 -0.84
C LYS A 174 3.49 -14.32 0.20
N ALA A 175 3.99 -13.15 -0.12
CA ALA A 175 3.91 -12.02 0.81
C ALA A 175 4.41 -10.73 0.18
N ALA A 176 4.10 -9.62 0.85
CA ALA A 176 4.60 -8.33 0.38
C ALA A 176 6.01 -8.32 0.97
N PHE A 177 6.87 -7.45 0.47
CA PHE A 177 8.24 -7.39 0.96
C PHE A 177 8.74 -5.95 0.96
N LYS A 178 9.99 -5.74 1.04
CA LYS A 178 10.64 -4.43 1.21
C LYS A 178 10.48 -3.60 -0.05
N GLY A 179 9.73 -2.48 0.19
CA GLY A 179 9.41 -1.60 -0.92
C GLY A 179 7.96 -1.64 -1.30
N ASP A 180 7.22 -2.63 -0.79
CA ASP A 180 5.80 -2.75 -1.10
C ASP A 180 4.93 -2.01 -0.13
N SER A 181 5.52 -1.52 0.95
CA SER A 181 4.79 -0.78 1.97
C SER A 181 3.96 0.34 1.39
N GLY A 182 2.72 0.47 1.84
CA GLY A 182 1.85 1.58 1.41
C GLY A 182 0.93 1.13 0.26
N GLY A 183 1.26 -0.01 -0.31
CA GLY A 183 0.51 -0.62 -1.43
C GLY A 183 -0.85 -1.13 -0.95
N PRO A 184 -1.85 -1.19 -1.84
CA PRO A 184 -3.18 -1.69 -1.48
C PRO A 184 -3.32 -3.23 -1.40
N LEU A 185 -4.26 -3.62 -0.60
CA LEU A 185 -4.71 -5.00 -0.48
C LEU A 185 -6.14 -4.93 -1.02
N LEU A 186 -6.32 -5.45 -2.21
CA LEU A 186 -7.62 -5.42 -2.90
C LEU A 186 -8.33 -6.77 -2.76
N CYS A 187 -9.49 -6.58 -2.03
CA CYS A 187 -10.37 -7.71 -1.77
C CYS A 187 -11.67 -7.38 -2.44
N ASN A 188 -12.04 -8.19 -3.43
CA ASN A 188 -13.26 -8.00 -4.20
C ASN A 188 -13.29 -6.59 -4.84
N ASN A 189 -12.15 -6.22 -5.40
CA ASN A 189 -11.94 -4.95 -6.09
C ASN A 189 -12.03 -3.67 -5.25
N VAL A 190 -11.92 -3.81 -3.94
CA VAL A 190 -12.00 -2.67 -3.04
C VAL A 190 -10.74 -2.62 -2.16
N ALA A 191 -10.14 -1.44 -2.03
CA ALA A 191 -8.92 -1.31 -1.23
C ALA A 191 -9.18 -1.41 0.26
N HIS A 192 -9.07 -2.64 0.78
CA HIS A 192 -9.29 -2.98 2.18
C HIS A 192 -8.10 -2.79 3.10
N GLY A 193 -6.89 -2.89 2.55
CA GLY A 193 -5.70 -2.76 3.39
C GLY A 193 -4.51 -2.03 2.81
N ILE A 194 -3.56 -1.72 3.69
CA ILE A 194 -2.32 -1.05 3.31
C ILE A 194 -1.18 -1.86 3.86
N VAL A 195 -0.21 -2.20 2.99
CA VAL A 195 0.98 -2.96 3.42
C VAL A 195 1.68 -2.17 4.51
N SER A 196 1.94 -2.84 5.61
CA SER A 196 2.58 -2.19 6.76
C SER A 196 3.84 -2.92 7.24
N TYR A 197 3.70 -4.09 7.88
CA TYR A 197 4.90 -4.81 8.37
C TYR A 197 4.64 -6.31 8.60
N GLY A 198 5.74 -7.00 8.87
CA GLY A 198 5.74 -8.45 9.12
C GLY A 198 7.12 -8.90 9.61
N LYS A 199 7.33 -10.19 9.61
CA LYS A 199 8.62 -10.77 10.01
C LYS A 199 9.68 -10.31 9.02
N SER A 200 10.90 -10.05 9.41
CA SER A 200 11.98 -9.69 8.49
C SER A 200 12.18 -10.74 7.41
N SER A 201 11.89 -12.00 7.74
CA SER A 201 12.05 -13.11 6.83
C SER A 201 11.13 -13.01 5.63
N GLY A 202 9.96 -12.42 5.84
CA GLY A 202 8.99 -12.30 4.79
C GLY A 202 8.02 -13.46 4.93
N VAL A 203 8.23 -14.26 5.98
CA VAL A 203 7.40 -15.43 6.25
C VAL A 203 6.05 -15.03 6.83
N PRO A 204 4.95 -15.32 6.12
CA PRO A 204 3.63 -14.95 6.62
C PRO A 204 3.35 -15.51 8.02
N PRO A 205 2.29 -15.01 8.68
CA PRO A 205 1.39 -13.97 8.21
C PRO A 205 1.91 -12.56 8.52
N GLU A 206 1.47 -11.61 7.69
CA GLU A 206 1.92 -10.23 7.94
C GLU A 206 0.74 -9.35 8.31
N VAL A 207 1.02 -8.07 8.60
CA VAL A 207 0.03 -7.12 9.08
C VAL A 207 -0.21 -5.96 8.12
N PHE A 208 -1.49 -5.71 7.85
CA PHE A 208 -1.91 -4.63 6.96
C PHE A 208 -2.76 -3.67 7.79
N THR A 209 -2.77 -2.39 7.42
CA THR A 209 -3.59 -1.42 8.11
C THR A 209 -4.98 -1.65 7.52
N ARG A 210 -6.01 -1.68 8.40
CA ARG A 210 -7.38 -1.90 7.93
C ARG A 210 -8.01 -0.55 7.52
N VAL A 211 -8.09 -0.28 6.22
CA VAL A 211 -8.62 0.97 5.71
C VAL A 211 -10.00 1.43 6.21
N SER A 212 -10.95 0.51 6.34
CA SER A 212 -12.31 0.84 6.76
C SER A 212 -12.42 1.45 8.16
N SER A 213 -11.39 1.26 8.98
CA SER A 213 -11.39 1.81 10.34
C SER A 213 -11.02 3.29 10.35
N PHE A 214 -10.50 3.79 9.23
CA PHE A 214 -10.05 5.17 9.16
C PHE A 214 -10.83 6.08 8.23
N LEU A 215 -11.95 5.60 7.70
CA LEU A 215 -12.80 6.36 6.76
C LEU A 215 -13.17 7.77 7.23
N PRO A 216 -13.67 7.93 8.47
CA PRO A 216 -14.01 9.28 8.94
C PRO A 216 -12.80 10.22 8.93
N TRP A 217 -11.63 9.70 9.30
CA TRP A 217 -10.41 10.51 9.30
C TRP A 217 -10.06 10.80 7.84
N ILE A 218 -10.30 9.81 6.98
CA ILE A 218 -9.99 9.95 5.56
C ILE A 218 -10.86 11.02 4.91
N ARG A 219 -12.16 10.94 5.17
CA ARG A 219 -13.13 11.87 4.61
C ARG A 219 -12.94 13.29 5.13
N THR A 220 -12.56 13.43 6.39
CA THR A 220 -12.34 14.74 6.98
C THR A 220 -11.08 15.40 6.43
N THR A 221 -10.01 14.62 6.29
CA THR A 221 -8.75 15.14 5.77
C THR A 221 -8.87 15.60 4.30
N MET A 222 -9.63 14.88 3.53
CA MET A 222 -9.73 15.21 2.10
C MET A 222 -10.74 16.34 1.90
N ARG A 223 -11.84 16.32 2.64
CA ARG A 223 -12.84 17.39 2.53
C ARG A 223 -12.23 18.71 2.97
N SER A 224 -11.74 18.75 4.22
CA SER A 224 -11.13 19.96 4.80
C SER A 224 -9.78 20.33 4.19
C1 0H8 B . 9.15 -9.30 13.56
O1 0H8 B . 9.88 -10.31 13.31
O2 0H8 B . 8.13 -9.34 14.57
C2 0H8 B . 9.59 -7.96 12.98
C3 0H8 B . 8.40 -7.01 12.74
C4 0H8 B . 8.87 -5.73 12.08
O4 0H8 B . 8.93 -4.69 12.74
N 0H8 B . 9.52 -5.89 10.94
CA 0H8 B . 10.23 -4.79 10.32
C 0H8 B . 9.32 -4.10 9.30
O 0H8 B . 8.31 -4.68 8.89
CB 0H8 B . 11.55 -5.27 9.64
CG1 0H8 B . 11.26 -6.15 8.45
CG2 0H8 B . 12.39 -4.08 9.22
N1 0H8 B . 8.75 -2.88 9.25
CA1 0H8 B . 7.98 -2.20 8.21
C5 0H8 B . 8.48 -2.52 6.79
O3 0H8 B . 9.67 -2.67 6.58
CB1 0H8 B . 8.12 -0.72 8.57
CG 0H8 B . 9.40 -0.65 9.29
CD 0H8 B . 9.39 -1.89 10.14
N2 0H8 B . 7.56 -2.70 5.85
CA2 0H8 B . 7.89 -2.91 4.87
P 0H8 B . 7.66 -1.48 3.74
O1P 0H8 B . 8.66 -0.40 4.26
O2P 0H8 B . 8.33 -1.70 2.33
CB2 0H8 B . 7.07 -4.03 4.22
CG3 0H8 B . 7.37 -5.32 4.90
CD1 0H8 B . 6.48 -6.43 4.31
CE 0H8 B . 6.78 -7.68 5.11
NZ 0H8 B . 5.91 -8.76 4.74
#